data_7EZQ
#
_entry.id   7EZQ
#
_cell.length_a   76.567
_cell.length_b   83.747
_cell.length_c   61.636
_cell.angle_alpha   90.00
_cell.angle_beta   100.25
_cell.angle_gamma   90.00
#
_symmetry.space_group_name_H-M   'C 1 2 1'
#
loop_
_entity.id
_entity.type
_entity.pdbx_description
1 polymer '4-hydroxyphenylpyruvate dioxygenase'
2 non-polymer 6-(1,3-dimethyl-5-oxidanyl-pyrazol-4-yl)carbonyl-1,5-dimethyl-3-(2-methylphenyl)quinazoline-2,4-dione
3 non-polymer 'COBALT (II) ION'
4 water water
#
_entity_poly.entity_id   1
_entity_poly.type   'polypeptide(L)'
_entity_poly.pdbx_seq_one_letter_code
;GSHMVRKNPKSDKFKVKRFHHIEFWCGDATNVARRFSWGLGMRFSAKSDLSTGNMVHASYLLTSGDLRFLFTAPYSPSLS
AGEIKPTTTASIPSFDHGSCRSFFSSHGLGVRAVAIEVEDAESAFSISVANGAIPSSPPIVLNEAVTIAEVKLYGDVVLR
YVSYKAEDTEKSEFLPGFERVEDASSFPLDYGIRRLDHAVGNVPELGPALTYVAGFTGFHQFAEFTADDVGTAESGLNSA
VLASNDEMVLLPINEPVHGTKRKSQIQTYLEHNEGAGLQHLALMSEDIFRTLREMRKRSSIGGFDFMPSPPPTYYQNLKK
RVGDVLSDDQIKECEELGILVDRDDQGTLLQIFTKPLGDRPTIFIEIIQRVGCMMKDEEGKAYQSGGCGGFGKGNFSELF
KSIEEYEKTL
;
_entity_poly.pdbx_strand_id   A
#
loop_
_chem_comp.id
_chem_comp.type
_chem_comp.name
_chem_comp.formula
0O0 non-polymer 6-(1,3-dimethyl-5-oxidanyl-pyrazol-4-yl)carbonyl-1,5-dimethyl-3-(2-methylphenyl)quinazoline-2,4-dione 'C23 H22 N4 O4'
CO non-polymer 'COBALT (II) ION' 'Co 2'
#
# COMPACT_ATOMS: atom_id res chain seq x y z
N LYS A 7 -5.33 23.14 6.79
CA LYS A 7 -6.79 23.22 6.85
C LYS A 7 -7.44 21.94 6.34
N ASN A 8 -8.50 21.52 7.03
CA ASN A 8 -9.23 20.30 6.68
C ASN A 8 -10.70 20.62 6.51
N PRO A 9 -11.18 20.75 5.26
CA PRO A 9 -12.59 21.08 5.03
C PRO A 9 -13.55 19.92 5.29
N LYS A 10 -13.04 18.71 5.55
CA LYS A 10 -13.86 17.55 5.90
C LYS A 10 -14.99 17.33 4.89
N SER A 11 -14.61 17.24 3.62
CA SER A 11 -15.57 17.25 2.51
C SER A 11 -15.82 15.87 1.91
N ASP A 12 -15.52 14.79 2.62
CA ASP A 12 -15.81 13.43 2.12
C ASP A 12 -17.27 13.30 1.72
N LYS A 13 -17.51 12.82 0.51
CA LYS A 13 -18.88 12.71 0.02
C LYS A 13 -19.62 11.49 0.58
N PHE A 14 -18.92 10.59 1.25
CA PHE A 14 -19.53 9.45 1.92
C PHE A 14 -18.67 9.12 3.12
N LYS A 15 -19.23 8.36 4.07
CA LYS A 15 -18.51 8.06 5.30
C LYS A 15 -17.47 6.97 5.05
N VAL A 16 -16.20 7.30 5.28
CA VAL A 16 -15.08 6.41 5.06
C VAL A 16 -14.49 6.04 6.42
N LYS A 17 -14.17 4.76 6.60
CA LYS A 17 -13.68 4.34 7.90
C LYS A 17 -12.15 4.20 7.89
N ARG A 18 -11.64 3.06 7.42
CA ARG A 18 -10.19 2.83 7.42
C ARG A 18 -9.81 2.07 6.17
N PHE A 19 -8.52 2.06 5.86
CA PHE A 19 -8.02 1.08 4.90
C PHE A 19 -8.45 -0.30 5.36
N HIS A 20 -8.90 -1.12 4.41
CA HIS A 20 -9.37 -2.46 4.74
C HIS A 20 -8.43 -3.55 4.25
N HIS A 21 -8.03 -3.53 2.98
CA HIS A 21 -7.03 -4.48 2.50
C HIS A 21 -6.45 -3.99 1.20
N ILE A 22 -5.35 -4.62 0.80
CA ILE A 22 -4.67 -4.40 -0.46
C ILE A 22 -4.69 -5.74 -1.19
N GLU A 23 -5.15 -5.77 -2.45
CA GLU A 23 -5.14 -7.02 -3.21
C GLU A 23 -4.12 -6.94 -4.33
N PHE A 24 -3.23 -7.93 -4.35
CA PHE A 24 -2.27 -8.13 -5.44
C PHE A 24 -2.86 -9.13 -6.42
N TRP A 25 -2.70 -8.83 -7.71
CA TRP A 25 -3.03 -9.81 -8.73
C TRP A 25 -1.74 -10.46 -9.16
N CYS A 26 -1.75 -11.80 -9.16
CA CYS A 26 -0.57 -12.63 -9.21
C CYS A 26 -0.72 -13.60 -10.37
N GLY A 27 0.41 -14.19 -10.76
CA GLY A 27 0.30 -15.35 -11.62
C GLY A 27 0.10 -16.61 -10.81
N ASP A 28 0.82 -16.71 -9.71
CA ASP A 28 0.66 -17.80 -8.75
C ASP A 28 0.51 -17.19 -7.36
N ALA A 29 -0.71 -17.24 -6.81
CA ALA A 29 -0.91 -16.58 -5.52
C ALA A 29 -0.19 -17.31 -4.39
N THR A 30 -0.05 -18.63 -4.47
CA THR A 30 0.62 -19.41 -3.42
C THR A 30 2.05 -18.93 -3.18
N ASN A 31 2.83 -18.77 -4.26
CA ASN A 31 4.26 -18.49 -4.07
C ASN A 31 4.47 -17.05 -3.65
N VAL A 32 3.69 -16.12 -4.18
CA VAL A 32 3.84 -14.75 -3.72
C VAL A 32 3.42 -14.64 -2.26
N ALA A 33 2.27 -15.23 -1.91
CA ALA A 33 1.80 -15.14 -0.52
C ALA A 33 2.80 -15.76 0.44
N ARG A 34 3.40 -16.89 0.08
CA ARG A 34 4.36 -17.51 1.01
C ARG A 34 5.63 -16.67 1.14
N ARG A 35 6.09 -16.07 0.04
CA ARG A 35 7.25 -15.20 0.12
C ARG A 35 6.96 -13.98 0.98
N PHE A 36 5.84 -13.31 0.72
CA PHE A 36 5.48 -12.13 1.50
C PHE A 36 5.30 -12.47 2.97
N SER A 37 4.70 -13.62 3.26
CA SER A 37 4.43 -14.00 4.65
C SER A 37 5.73 -14.08 5.44
N TRP A 38 6.72 -14.77 4.88
CA TRP A 38 8.02 -14.92 5.52
C TRP A 38 8.79 -13.60 5.54
N GLY A 39 8.75 -12.85 4.45
CA GLY A 39 9.53 -11.62 4.35
C GLY A 39 9.02 -10.51 5.25
N LEU A 40 7.71 -10.43 5.47
CA LEU A 40 7.09 -9.34 6.20
C LEU A 40 6.57 -9.75 7.57
N GLY A 41 6.53 -11.04 7.88
CA GLY A 41 6.00 -11.47 9.17
C GLY A 41 4.50 -11.34 9.23
N MET A 42 3.82 -11.86 8.21
CA MET A 42 2.37 -11.83 8.16
C MET A 42 1.84 -13.25 8.24
N ARG A 43 0.74 -13.42 8.95
CA ARG A 43 0.14 -14.73 9.18
C ARG A 43 -0.85 -15.07 8.07
N PHE A 44 -0.91 -16.34 7.70
CA PHE A 44 -1.98 -16.84 6.83
C PHE A 44 -3.28 -16.91 7.63
N SER A 45 -4.30 -16.16 7.23
CA SER A 45 -5.51 -16.10 8.04
C SER A 45 -6.80 -16.47 7.32
N ALA A 46 -6.85 -16.42 5.99
CA ALA A 46 -8.05 -16.88 5.31
C ALA A 46 -7.71 -17.31 3.90
N LYS A 47 -8.56 -18.15 3.33
CA LYS A 47 -8.37 -18.63 1.98
C LYS A 47 -9.71 -18.78 1.26
N SER A 48 -9.64 -18.70 -0.06
CA SER A 48 -10.77 -19.00 -0.93
C SER A 48 -10.13 -19.63 -2.16
N ASP A 49 -10.37 -20.92 -2.38
CA ASP A 49 -9.70 -21.63 -3.45
C ASP A 49 -10.46 -22.93 -3.69
N LEU A 50 -9.83 -23.84 -4.44
CA LEU A 50 -10.47 -25.11 -4.76
C LEU A 50 -10.99 -25.81 -3.51
N SER A 51 -10.22 -25.76 -2.42
CA SER A 51 -10.63 -26.47 -1.22
C SER A 51 -11.84 -25.84 -0.55
N THR A 52 -12.19 -24.61 -0.89
CA THR A 52 -13.40 -23.98 -0.38
C THR A 52 -14.52 -23.93 -1.40
N GLY A 53 -14.37 -24.57 -2.55
CA GLY A 53 -15.40 -24.58 -3.56
C GLY A 53 -15.28 -23.49 -4.62
N ASN A 54 -14.24 -22.66 -4.55
CA ASN A 54 -14.00 -21.64 -5.56
C ASN A 54 -13.27 -22.27 -6.75
N MET A 55 -13.95 -22.38 -7.89
CA MET A 55 -13.38 -22.93 -9.12
C MET A 55 -12.79 -21.85 -10.02
N VAL A 56 -12.83 -20.59 -9.61
CA VAL A 56 -12.47 -19.47 -10.47
C VAL A 56 -11.10 -18.91 -10.12
N HIS A 57 -10.86 -18.60 -8.86
CA HIS A 57 -9.61 -17.98 -8.47
C HIS A 57 -9.14 -18.52 -7.14
N ALA A 58 -7.83 -18.46 -6.93
CA ALA A 58 -7.19 -18.79 -5.67
C ALA A 58 -6.87 -17.47 -4.99
N SER A 59 -7.35 -17.28 -3.77
CA SER A 59 -7.13 -16.05 -3.02
C SER A 59 -6.69 -16.39 -1.61
N TYR A 60 -5.54 -15.85 -1.19
CA TYR A 60 -4.98 -16.12 0.12
C TYR A 60 -4.75 -14.81 0.86
N LEU A 61 -5.19 -14.74 2.10
CA LEU A 61 -5.13 -13.50 2.88
C LEU A 61 -4.05 -13.64 3.93
N LEU A 62 -3.15 -12.65 3.98
CA LEU A 62 -2.17 -12.52 5.05
C LEU A 62 -2.57 -11.35 5.94
N THR A 63 -2.33 -11.46 7.24
CA THR A 63 -2.61 -10.35 8.13
C THR A 63 -1.44 -10.10 9.07
N SER A 64 -1.25 -8.83 9.41
CA SER A 64 -0.37 -8.44 10.51
C SER A 64 -1.06 -7.28 11.20
N GLY A 65 -1.54 -7.52 12.42
CA GLY A 65 -2.35 -6.50 13.08
C GLY A 65 -3.60 -6.23 12.25
N ASP A 66 -3.79 -4.96 11.86
CA ASP A 66 -4.92 -4.58 11.01
C ASP A 66 -4.56 -4.58 9.53
N LEU A 67 -3.32 -4.87 9.17
CA LEU A 67 -2.91 -4.87 7.77
C LEU A 67 -3.37 -6.16 7.11
N ARG A 68 -4.01 -6.05 5.95
CA ARG A 68 -4.52 -7.21 5.24
C ARG A 68 -3.99 -7.18 3.81
N PHE A 69 -3.22 -8.19 3.44
CA PHE A 69 -2.72 -8.36 2.08
C PHE A 69 -3.42 -9.57 1.48
N LEU A 70 -4.10 -9.36 0.35
CA LEU A 70 -4.78 -10.43 -0.37
C LEU A 70 -4.03 -10.74 -1.65
N PHE A 71 -3.80 -12.03 -1.92
CA PHE A 71 -3.09 -12.49 -3.12
C PHE A 71 -4.01 -13.39 -3.91
N THR A 72 -4.28 -13.01 -5.17
CA THR A 72 -5.24 -13.69 -6.00
C THR A 72 -4.64 -14.03 -7.36
N ALA A 73 -4.94 -15.23 -7.84
CA ALA A 73 -4.55 -15.66 -9.17
C ALA A 73 -5.69 -16.46 -9.78
N PRO A 74 -5.83 -16.44 -11.11
CA PRO A 74 -6.91 -17.20 -11.74
C PRO A 74 -6.53 -18.67 -11.91
N TYR A 75 -7.54 -19.53 -11.78
CA TYR A 75 -7.41 -20.91 -12.24
C TYR A 75 -7.65 -20.98 -13.73
N SER A 76 -7.53 -22.20 -14.30
CA SER A 76 -7.94 -22.38 -15.68
C SER A 76 -9.40 -22.00 -15.85
N PRO A 77 -9.75 -21.17 -16.84
CA PRO A 77 -11.18 -20.90 -17.10
C PRO A 77 -11.99 -22.16 -17.34
N SER A 78 -11.35 -23.27 -17.73
CA SER A 78 -12.08 -24.50 -18.03
C SER A 78 -12.76 -25.05 -16.79
N LEU A 79 -12.22 -24.81 -15.60
CA LEU A 79 -12.83 -25.31 -14.38
C LEU A 79 -14.19 -24.70 -14.13
N SER A 80 -14.41 -23.47 -14.60
CA SER A 80 -15.64 -22.73 -14.33
C SER A 80 -16.39 -22.41 -15.63
N ALA A 81 -16.12 -23.15 -16.71
CA ALA A 81 -16.69 -22.77 -18.01
C ALA A 81 -18.20 -22.87 -18.00
N GLY A 82 -18.76 -23.71 -17.14
CA GLY A 82 -20.21 -23.83 -17.09
C GLY A 82 -20.90 -22.78 -16.26
N GLU A 83 -20.13 -21.96 -15.54
CA GLU A 83 -20.73 -20.99 -14.64
C GLU A 83 -21.12 -19.72 -15.38
N ILE A 84 -22.09 -19.02 -14.81
CA ILE A 84 -22.38 -17.64 -15.18
C ILE A 84 -22.33 -16.84 -13.89
N LYS A 85 -22.30 -15.52 -14.02
CA LYS A 85 -22.23 -14.68 -12.82
C LYS A 85 -23.28 -15.06 -11.78
N PRO A 86 -24.57 -15.27 -12.14
CA PRO A 86 -25.53 -15.70 -11.11
C PRO A 86 -25.17 -17.01 -10.42
N THR A 87 -24.42 -17.90 -11.07
CA THR A 87 -24.05 -19.20 -10.50
C THR A 87 -22.59 -19.29 -10.10
N THR A 88 -21.88 -18.17 -10.02
CA THR A 88 -20.43 -18.20 -9.88
C THR A 88 -20.01 -18.80 -8.54
N THR A 89 -18.86 -19.48 -8.54
CA THR A 89 -18.22 -19.93 -7.31
C THR A 89 -17.12 -18.98 -6.85
N ALA A 90 -16.86 -17.91 -7.59
CA ALA A 90 -15.89 -16.91 -7.15
C ALA A 90 -16.38 -16.28 -5.85
N SER A 91 -15.46 -16.07 -4.92
CA SER A 91 -15.81 -15.36 -3.70
C SER A 91 -15.67 -13.85 -3.84
N ILE A 92 -14.95 -13.39 -4.87
CA ILE A 92 -14.86 -11.97 -5.17
C ILE A 92 -15.54 -11.74 -6.51
N PRO A 93 -16.80 -11.32 -6.53
CA PRO A 93 -17.57 -11.32 -7.78
C PRO A 93 -17.03 -10.35 -8.82
N SER A 94 -16.18 -9.39 -8.43
CA SER A 94 -15.56 -8.52 -9.44
C SER A 94 -14.45 -9.23 -10.23
N PHE A 95 -13.98 -10.38 -9.78
CA PHE A 95 -12.89 -11.05 -10.47
C PHE A 95 -13.29 -11.49 -11.88
N ASP A 96 -12.33 -11.39 -12.80
CA ASP A 96 -12.51 -11.81 -14.19
C ASP A 96 -11.20 -12.39 -14.69
N HIS A 97 -11.23 -13.65 -15.16
CA HIS A 97 -10.01 -14.30 -15.67
C HIS A 97 -9.29 -13.38 -16.65
N GLY A 98 -10.01 -12.85 -17.64
CA GLY A 98 -9.38 -12.05 -18.68
C GLY A 98 -8.76 -10.78 -18.16
N SER A 99 -9.46 -10.08 -17.26
CA SER A 99 -8.90 -8.88 -16.66
C SER A 99 -7.62 -9.20 -15.88
N CYS A 100 -7.65 -10.27 -15.09
CA CYS A 100 -6.51 -10.61 -14.25
C CYS A 100 -5.30 -10.99 -15.09
N ARG A 101 -5.52 -11.82 -16.12
CA ARG A 101 -4.40 -12.19 -16.98
C ARG A 101 -3.85 -10.98 -17.73
N SER A 102 -4.74 -10.11 -18.22
CA SER A 102 -4.27 -8.92 -18.91
C SER A 102 -3.54 -7.96 -17.97
N PHE A 103 -4.08 -7.75 -16.76
CA PHE A 103 -3.39 -6.96 -15.75
C PHE A 103 -1.98 -7.47 -15.53
N PHE A 104 -1.83 -8.77 -15.23
CA PHE A 104 -0.52 -9.28 -14.88
C PHE A 104 0.43 -9.27 -16.07
N SER A 105 -0.06 -9.65 -17.25
CA SER A 105 0.82 -9.58 -18.41
C SER A 105 1.25 -8.15 -18.71
N SER A 106 0.38 -7.17 -18.43
CA SER A 106 0.71 -5.78 -18.73
C SER A 106 1.64 -5.18 -17.69
N HIS A 107 1.39 -5.43 -16.40
CA HIS A 107 2.07 -4.72 -15.32
C HIS A 107 3.02 -5.59 -14.51
N GLY A 108 2.94 -6.91 -14.65
CA GLY A 108 3.63 -7.77 -13.72
C GLY A 108 2.92 -7.72 -12.37
N LEU A 109 3.60 -8.26 -11.36
CA LEU A 109 3.04 -8.35 -10.02
C LEU A 109 2.79 -6.96 -9.44
N GLY A 110 1.57 -6.74 -8.96
CA GLY A 110 1.29 -5.41 -8.44
C GLY A 110 -0.08 -5.36 -7.81
N VAL A 111 -0.41 -4.18 -7.33
CA VAL A 111 -1.66 -3.99 -6.62
C VAL A 111 -2.77 -3.72 -7.62
N ARG A 112 -3.82 -4.53 -7.54
CA ARG A 112 -5.03 -4.31 -8.32
C ARG A 112 -6.04 -3.44 -7.57
N ALA A 113 -6.21 -3.67 -6.26
CA ALA A 113 -7.26 -2.99 -5.50
C ALA A 113 -6.69 -2.38 -4.23
N VAL A 114 -7.02 -1.12 -4.01
CA VAL A 114 -6.85 -0.46 -2.72
C VAL A 114 -8.23 -0.45 -2.08
N ALA A 115 -8.44 -1.23 -1.03
CA ALA A 115 -9.78 -1.36 -0.46
C ALA A 115 -9.90 -0.55 0.82
N ILE A 116 -10.98 0.21 0.93
CA ILE A 116 -11.27 0.97 2.14
C ILE A 116 -12.63 0.54 2.68
N GLU A 117 -12.75 0.46 4.00
CA GLU A 117 -14.04 0.14 4.58
C GLU A 117 -14.86 1.42 4.66
N VAL A 118 -16.10 1.36 4.21
CA VAL A 118 -17.00 2.50 4.20
C VAL A 118 -18.27 2.13 4.97
N GLU A 119 -19.08 3.15 5.25
CA GLU A 119 -20.33 2.91 5.96
C GLU A 119 -21.30 2.09 5.12
N ASP A 120 -21.36 2.37 3.81
CA ASP A 120 -22.36 1.76 2.93
C ASP A 120 -21.74 1.71 1.53
N ALA A 121 -21.34 0.52 1.08
CA ALA A 121 -20.62 0.40 -0.17
C ALA A 121 -21.49 0.76 -1.36
N GLU A 122 -22.79 0.44 -1.30
CA GLU A 122 -23.69 0.84 -2.38
C GLU A 122 -23.76 2.37 -2.50
N SER A 123 -23.98 3.06 -1.38
CA SER A 123 -24.04 4.52 -1.41
C SER A 123 -22.72 5.13 -1.86
N ALA A 124 -21.60 4.62 -1.35
CA ALA A 124 -20.30 5.15 -1.74
C ALA A 124 -20.08 5.00 -3.24
N PHE A 125 -20.47 3.86 -3.80
CA PHE A 125 -20.32 3.64 -5.25
C PHE A 125 -21.22 4.61 -6.03
N SER A 126 -22.50 4.69 -5.64
CA SER A 126 -23.43 5.61 -6.29
C SER A 126 -22.93 7.04 -6.25
N ILE A 127 -22.57 7.53 -5.05
CA ILE A 127 -22.13 8.92 -4.93
C ILE A 127 -20.86 9.16 -5.73
N SER A 128 -19.91 8.21 -5.66
CA SER A 128 -18.67 8.35 -6.42
C SER A 128 -18.91 8.49 -7.91
N VAL A 129 -19.72 7.59 -8.47
CA VAL A 129 -19.94 7.64 -9.91
C VAL A 129 -20.75 8.87 -10.30
N ALA A 130 -21.67 9.29 -9.43
CA ALA A 130 -22.38 10.54 -9.70
C ALA A 130 -21.44 11.73 -9.66
N ASN A 131 -20.25 11.56 -9.07
CA ASN A 131 -19.30 12.65 -8.96
C ASN A 131 -18.03 12.40 -9.79
N GLY A 132 -18.17 11.60 -10.85
CA GLY A 132 -17.14 11.49 -11.86
C GLY A 132 -16.38 10.18 -11.87
N ALA A 133 -16.58 9.30 -10.88
CA ALA A 133 -15.82 8.06 -10.85
C ALA A 133 -16.21 7.14 -11.99
N ILE A 134 -15.23 6.45 -12.55
CA ILE A 134 -15.47 5.46 -13.60
C ILE A 134 -15.82 4.14 -12.93
N PRO A 135 -17.03 3.62 -13.13
CA PRO A 135 -17.39 2.37 -12.47
C PRO A 135 -16.51 1.24 -12.98
N SER A 136 -16.09 0.38 -12.05
CA SER A 136 -15.38 -0.82 -12.44
C SER A 136 -16.17 -2.09 -12.12
N SER A 137 -16.83 -2.14 -10.97
CA SER A 137 -17.64 -3.29 -10.58
C SER A 137 -18.77 -2.76 -9.72
N PRO A 138 -20.02 -3.08 -10.05
CA PRO A 138 -21.16 -2.52 -9.31
C PRO A 138 -21.29 -3.12 -7.92
N PRO A 139 -22.06 -2.49 -7.03
CA PRO A 139 -22.20 -3.05 -5.68
C PRO A 139 -22.83 -4.43 -5.72
N ILE A 140 -22.20 -5.38 -5.04
CA ILE A 140 -22.69 -6.74 -4.95
C ILE A 140 -22.78 -7.11 -3.48
N VAL A 141 -23.92 -7.62 -3.07
CA VAL A 141 -24.16 -7.99 -1.68
C VAL A 141 -23.84 -9.47 -1.52
N LEU A 142 -22.95 -9.79 -0.58
CA LEU A 142 -22.45 -11.15 -0.38
C LEU A 142 -23.09 -11.71 0.88
N ASN A 143 -23.91 -12.76 0.70
CA ASN A 143 -24.55 -13.48 1.81
C ASN A 143 -25.31 -12.54 2.74
N GLU A 144 -25.92 -11.50 2.15
CA GLU A 144 -26.64 -10.47 2.90
C GLU A 144 -25.83 -10.00 4.11
N ALA A 145 -24.52 -9.89 3.92
CA ALA A 145 -23.63 -9.60 5.04
C ALA A 145 -22.60 -8.53 4.73
N VAL A 146 -22.02 -8.54 3.53
CA VAL A 146 -21.01 -7.56 3.16
C VAL A 146 -21.33 -7.08 1.75
N THR A 147 -21.08 -5.80 1.50
CA THR A 147 -21.24 -5.24 0.16
C THR A 147 -19.89 -4.78 -0.35
N ILE A 148 -19.58 -5.12 -1.61
CA ILE A 148 -18.36 -4.70 -2.26
C ILE A 148 -18.71 -4.02 -3.57
N ALA A 149 -17.93 -2.99 -3.92
CA ALA A 149 -18.08 -2.25 -5.17
C ALA A 149 -16.71 -1.67 -5.51
N GLU A 150 -16.50 -1.37 -6.80
CA GLU A 150 -15.20 -0.87 -7.23
C GLU A 150 -15.33 0.23 -8.28
N VAL A 151 -14.46 1.26 -8.16
CA VAL A 151 -14.34 2.29 -9.17
C VAL A 151 -12.87 2.44 -9.53
N LYS A 152 -12.62 2.99 -10.71
CA LYS A 152 -11.24 3.14 -11.16
C LYS A 152 -10.53 4.23 -10.37
N LEU A 153 -9.28 3.93 -9.98
CA LEU A 153 -8.47 4.87 -9.21
C LEU A 153 -7.44 5.53 -10.11
N TYR A 154 -6.49 4.75 -10.63
CA TYR A 154 -5.58 5.20 -11.66
C TYR A 154 -5.02 3.97 -12.37
N GLY A 155 -4.66 4.13 -13.64
CA GLY A 155 -4.25 3.00 -14.45
C GLY A 155 -5.26 1.88 -14.34
N ASP A 156 -4.79 0.67 -14.02
CA ASP A 156 -5.65 -0.48 -13.82
C ASP A 156 -5.87 -0.80 -12.35
N VAL A 157 -5.66 0.17 -11.48
CA VAL A 157 -5.89 0.05 -10.04
C VAL A 157 -7.30 0.54 -9.74
N VAL A 158 -8.01 -0.21 -8.90
CA VAL A 158 -9.36 0.18 -8.49
C VAL A 158 -9.34 0.57 -7.02
N LEU A 159 -10.21 1.52 -6.67
CA LEU A 159 -10.54 1.80 -5.28
C LEU A 159 -11.74 0.91 -4.93
N ARG A 160 -11.55 -0.02 -4.00
CA ARG A 160 -12.60 -0.95 -3.63
C ARG A 160 -13.26 -0.49 -2.34
N TYR A 161 -14.59 -0.37 -2.36
CA TYR A 161 -15.38 -0.08 -1.17
C TYR A 161 -15.91 -1.39 -0.59
N VAL A 162 -15.84 -1.51 0.73
CA VAL A 162 -16.40 -2.66 1.44
C VAL A 162 -17.15 -2.13 2.66
N SER A 163 -18.34 -2.67 2.90
CA SER A 163 -19.13 -2.28 4.07
C SER A 163 -19.76 -3.52 4.68
N TYR A 164 -19.87 -3.52 6.01
CA TYR A 164 -20.32 -4.68 6.75
C TYR A 164 -21.60 -4.33 7.52
N LYS A 165 -22.61 -5.18 7.40
CA LYS A 165 -23.82 -4.98 8.20
C LYS A 165 -23.47 -4.96 9.69
N ALA A 166 -22.73 -5.95 10.14
CA ALA A 166 -22.35 -6.04 11.55
C ALA A 166 -20.94 -5.50 11.77
N GLU A 173 -13.98 -14.47 8.40
CA GLU A 173 -14.59 -13.18 8.73
C GLU A 173 -14.35 -12.16 7.61
N PHE A 174 -13.24 -12.32 6.89
CA PHE A 174 -12.83 -11.39 5.83
C PHE A 174 -13.99 -11.12 4.87
N LEU A 175 -14.34 -12.10 4.06
CA LEU A 175 -15.47 -12.01 3.15
C LEU A 175 -16.18 -13.34 3.17
N PRO A 176 -17.48 -13.35 2.87
CA PRO A 176 -18.19 -14.63 2.73
C PRO A 176 -17.52 -15.53 1.69
N GLY A 177 -17.54 -16.82 1.95
CA GLY A 177 -16.89 -17.77 1.09
C GLY A 177 -15.43 -17.99 1.40
N PHE A 178 -14.79 -17.07 2.11
CA PHE A 178 -13.45 -17.33 2.62
C PHE A 178 -13.55 -18.21 3.86
N GLU A 179 -12.57 -19.08 4.02
CA GLU A 179 -12.48 -19.93 5.19
C GLU A 179 -11.28 -19.52 6.04
N ARG A 180 -11.45 -19.58 7.36
CA ARG A 180 -10.35 -19.42 8.29
C ARG A 180 -9.33 -20.52 8.07
N VAL A 181 -8.05 -20.16 8.16
CA VAL A 181 -6.99 -21.12 7.84
C VAL A 181 -6.70 -21.96 9.08
N GLU A 182 -6.57 -23.28 8.87
CA GLU A 182 -6.23 -24.20 9.95
C GLU A 182 -4.97 -23.75 10.67
N ASP A 183 -4.99 -23.85 12.00
CA ASP A 183 -3.90 -23.34 12.82
C ASP A 183 -2.56 -23.92 12.39
N ALA A 184 -2.53 -25.18 11.97
CA ALA A 184 -1.27 -25.83 11.60
C ALA A 184 -0.62 -25.12 10.42
N SER A 185 -1.41 -24.71 9.43
CA SER A 185 -0.91 -23.93 8.31
C SER A 185 -0.74 -22.46 8.63
N SER A 186 -1.09 -22.03 9.84
CA SER A 186 -1.09 -20.62 10.24
C SER A 186 -0.07 -20.41 11.36
N PHE A 187 1.19 -20.28 10.97
CA PHE A 187 2.27 -19.96 11.91
C PHE A 187 2.14 -18.51 12.38
N PRO A 188 2.23 -18.22 13.70
CA PRO A 188 1.94 -16.85 14.15
C PRO A 188 3.13 -15.91 13.98
N LEU A 189 3.56 -15.71 12.73
CA LEU A 189 4.63 -14.75 12.47
C LEU A 189 4.18 -13.33 12.80
N ASP A 190 5.12 -12.53 13.29
CA ASP A 190 4.81 -11.12 13.57
C ASP A 190 6.11 -10.35 13.75
N TYR A 191 6.40 -9.40 12.85
CA TYR A 191 7.60 -8.57 13.01
C TYR A 191 7.24 -7.16 13.44
N GLY A 192 5.99 -6.90 13.80
CA GLY A 192 5.57 -5.62 14.34
C GLY A 192 4.75 -4.75 13.40
N ILE A 193 4.51 -5.17 12.16
CA ILE A 193 3.69 -4.33 11.28
C ILE A 193 2.24 -4.41 11.73
N ARG A 194 1.55 -3.26 11.68
CA ARG A 194 0.24 -3.18 12.31
C ARG A 194 -0.85 -2.60 11.40
N ARG A 195 -0.50 -1.76 10.43
CA ARG A 195 -1.54 -1.22 9.54
C ARG A 195 -0.93 -0.54 8.33
N LEU A 196 -1.78 -0.32 7.31
CA LEU A 196 -1.40 0.44 6.12
C LEU A 196 -1.48 1.93 6.43
N ASP A 197 -0.37 2.63 6.27
CA ASP A 197 -0.39 4.06 6.55
C ASP A 197 -0.81 4.88 5.33
N HIS A 198 -0.22 4.59 4.17
CA HIS A 198 -0.63 5.25 2.94
C HIS A 198 -0.28 4.37 1.75
N ALA A 199 -0.89 4.68 0.62
CA ALA A 199 -0.75 3.93 -0.63
C ALA A 199 -0.60 4.94 -1.75
N VAL A 200 0.50 4.84 -2.50
CA VAL A 200 0.97 5.88 -3.39
C VAL A 200 0.84 5.42 -4.83
N GLY A 201 0.24 6.26 -5.67
CA GLY A 201 0.15 5.99 -7.09
C GLY A 201 1.11 6.85 -7.89
N ASN A 202 1.56 6.30 -9.02
CA ASN A 202 2.36 7.04 -9.99
C ASN A 202 1.53 7.21 -11.26
N VAL A 203 1.49 8.44 -11.78
CA VAL A 203 0.73 8.76 -12.99
C VAL A 203 1.57 9.63 -13.89
N PRO A 204 1.20 9.71 -15.19
CA PRO A 204 1.94 10.62 -16.08
C PRO A 204 1.63 12.09 -15.80
N GLU A 205 0.42 12.40 -15.32
CA GLU A 205 -0.02 13.78 -15.11
C GLU A 205 -0.74 13.89 -13.78
N LEU A 206 -0.12 14.59 -12.82
CA LEU A 206 -0.66 14.67 -11.47
C LEU A 206 -1.97 15.46 -11.41
N GLY A 207 -2.04 16.60 -12.11
CA GLY A 207 -3.19 17.47 -12.07
C GLY A 207 -4.51 16.76 -12.32
N PRO A 208 -4.64 16.14 -13.51
CA PRO A 208 -5.89 15.41 -13.81
C PRO A 208 -6.15 14.24 -12.88
N ALA A 209 -5.09 13.55 -12.43
CA ALA A 209 -5.28 12.48 -11.46
C ALA A 209 -5.90 13.00 -10.18
N LEU A 210 -5.30 14.05 -9.61
CA LEU A 210 -5.80 14.63 -8.37
C LEU A 210 -7.25 15.09 -8.54
N THR A 211 -7.53 15.79 -9.63
CA THR A 211 -8.87 16.35 -9.81
C THR A 211 -9.91 15.25 -9.92
N TYR A 212 -9.56 14.17 -10.62
CA TYR A 212 -10.47 13.04 -10.75
C TYR A 212 -10.77 12.41 -9.40
N VAL A 213 -9.72 12.02 -8.64
CA VAL A 213 -9.96 11.31 -7.38
C VAL A 213 -10.57 12.25 -6.35
N ALA A 214 -9.98 13.42 -6.14
CA ALA A 214 -10.61 14.38 -5.23
C ALA A 214 -12.03 14.70 -5.69
N GLY A 215 -12.27 14.66 -7.00
CA GLY A 215 -13.60 14.89 -7.52
C GLY A 215 -14.65 13.95 -6.96
N PHE A 216 -14.42 12.63 -7.02
CA PHE A 216 -15.46 11.69 -6.67
C PHE A 216 -15.45 11.23 -5.21
N THR A 217 -14.36 11.48 -4.48
CA THR A 217 -14.32 11.11 -3.06
C THR A 217 -14.66 12.28 -2.15
N GLY A 218 -14.36 13.50 -2.57
CA GLY A 218 -14.33 14.61 -1.65
C GLY A 218 -13.11 14.64 -0.75
N PHE A 219 -12.11 13.77 -1.00
CA PHE A 219 -10.88 13.81 -0.22
C PHE A 219 -10.18 15.14 -0.46
N HIS A 220 -9.55 15.66 0.59
CA HIS A 220 -8.92 16.97 0.52
C HIS A 220 -7.41 16.82 0.47
N GLN A 221 -6.76 17.88 0.02
CA GLN A 221 -5.29 17.87 -0.02
C GLN A 221 -4.73 17.96 1.39
N PHE A 222 -3.85 17.03 1.71
CA PHE A 222 -3.15 17.02 2.99
C PHE A 222 -1.86 17.82 2.84
N ALA A 223 -1.60 18.72 3.79
CA ALA A 223 -0.52 19.68 3.65
C ALA A 223 0.85 19.05 3.94
N GLU A 224 1.85 19.44 3.13
CA GLU A 224 3.25 19.10 3.36
C GLU A 224 3.96 20.27 4.04
N PHE A 225 5.12 19.96 4.63
CA PHE A 225 5.89 20.83 5.55
C PHE A 225 5.19 22.12 6.01
N SER A 235 12.56 15.16 -5.38
CA SER A 235 13.40 15.23 -6.56
C SER A 235 12.98 14.19 -7.61
N GLY A 236 12.80 14.65 -8.84
CA GLY A 236 12.29 13.77 -9.87
C GLY A 236 10.80 13.56 -9.85
N LEU A 237 10.08 14.20 -8.91
CA LEU A 237 8.64 14.03 -8.83
C LEU A 237 7.98 15.33 -8.38
N ASN A 238 6.71 15.46 -8.74
CA ASN A 238 5.79 16.34 -8.06
C ASN A 238 4.71 15.48 -7.45
N SER A 239 4.24 15.86 -6.27
CA SER A 239 3.35 14.98 -5.53
C SER A 239 2.34 15.80 -4.76
N ALA A 240 1.28 15.11 -4.33
CA ALA A 240 0.24 15.69 -3.51
C ALA A 240 -0.49 14.54 -2.84
N VAL A 241 -1.06 14.82 -1.68
CA VAL A 241 -1.67 13.81 -0.83
C VAL A 241 -3.14 14.11 -0.68
N LEU A 242 -3.98 13.11 -0.96
CA LEU A 242 -5.42 13.20 -0.71
C LEU A 242 -5.74 12.42 0.54
N ALA A 243 -6.63 12.97 1.37
CA ALA A 243 -6.95 12.39 2.66
C ALA A 243 -8.45 12.42 2.92
N SER A 244 -8.91 11.44 3.71
CA SER A 244 -10.28 11.39 4.16
C SER A 244 -10.48 12.39 5.31
N ASN A 245 -11.70 12.42 5.84
CA ASN A 245 -12.07 13.43 6.85
C ASN A 245 -11.16 13.37 8.07
N ASP A 246 -10.98 12.19 8.66
CA ASP A 246 -10.07 12.08 9.79
C ASP A 246 -8.63 11.86 9.38
N GLU A 247 -8.34 11.97 8.07
CA GLU A 247 -6.99 11.85 7.51
C GLU A 247 -6.32 10.52 7.85
N MET A 248 -7.13 9.47 8.07
CA MET A 248 -6.63 8.12 8.27
C MET A 248 -6.47 7.35 6.96
N VAL A 249 -7.20 7.74 5.93
CA VAL A 249 -6.99 7.22 4.58
C VAL A 249 -6.19 8.27 3.82
N LEU A 250 -4.99 7.89 3.39
CA LEU A 250 -4.02 8.79 2.77
C LEU A 250 -3.62 8.20 1.42
N LEU A 251 -3.91 8.93 0.35
CA LEU A 251 -3.67 8.45 -1.01
C LEU A 251 -2.83 9.49 -1.74
N PRO A 252 -1.51 9.45 -1.57
CA PRO A 252 -0.64 10.32 -2.35
C PRO A 252 -0.57 9.88 -3.80
N ILE A 253 -0.25 10.85 -4.67
CA ILE A 253 -0.07 10.61 -6.10
C ILE A 253 1.14 11.41 -6.55
N ASN A 254 1.96 10.80 -7.41
CA ASN A 254 3.17 11.41 -7.96
C ASN A 254 3.07 11.48 -9.47
N GLU A 255 3.75 12.47 -10.05
CA GLU A 255 4.06 12.52 -11.48
C GLU A 255 5.55 12.78 -11.60
N PRO A 256 6.17 12.43 -12.73
CA PRO A 256 7.61 12.67 -12.87
C PRO A 256 7.91 14.13 -13.17
N VAL A 257 9.16 14.51 -12.89
CA VAL A 257 9.72 15.77 -13.35
C VAL A 257 10.78 15.45 -14.40
N HIS A 258 10.53 15.84 -15.65
CA HIS A 258 11.43 15.51 -16.74
C HIS A 258 12.55 16.55 -16.85
N GLY A 259 13.66 16.12 -17.48
CA GLY A 259 14.79 16.98 -17.74
C GLY A 259 15.91 16.89 -16.73
N THR A 260 15.69 16.25 -15.60
CA THR A 260 16.69 16.17 -14.55
C THR A 260 17.91 15.35 -15.01
N LYS A 261 19.04 15.61 -14.35
CA LYS A 261 20.28 14.90 -14.72
C LYS A 261 20.19 13.43 -14.37
N ARG A 262 19.59 13.10 -13.23
CA ARG A 262 19.21 11.74 -12.91
C ARG A 262 17.79 11.51 -13.40
N LYS A 263 17.58 10.44 -14.17
CA LYS A 263 16.25 10.15 -14.69
C LYS A 263 15.27 9.95 -13.54
N SER A 264 14.08 10.54 -13.68
CA SER A 264 13.05 10.41 -12.67
C SER A 264 12.68 8.94 -12.47
N GLN A 265 12.68 8.50 -11.21
CA GLN A 265 12.20 7.17 -10.88
C GLN A 265 10.70 7.03 -11.16
N ILE A 266 9.94 8.13 -11.16
CA ILE A 266 8.54 8.02 -11.54
C ILE A 266 8.42 7.64 -13.01
N GLN A 267 9.29 8.22 -13.85
CA GLN A 267 9.26 7.89 -15.27
C GLN A 267 9.72 6.46 -15.52
N THR A 268 10.77 6.02 -14.81
CA THR A 268 11.19 4.63 -14.92
C THR A 268 10.07 3.69 -14.53
N TYR A 269 9.34 4.01 -13.45
CA TYR A 269 8.18 3.19 -13.07
C TYR A 269 7.18 3.09 -14.21
N LEU A 270 6.79 4.23 -14.81
CA LEU A 270 5.76 4.20 -15.83
C LEU A 270 6.19 3.37 -17.04
N GLU A 271 7.47 3.43 -17.39
CA GLU A 271 7.97 2.67 -18.53
C GLU A 271 7.90 1.17 -18.27
N HIS A 272 8.37 0.73 -17.10
CA HIS A 272 8.40 -0.69 -16.78
C HIS A 272 7.03 -1.24 -16.39
N ASN A 273 6.18 -0.40 -15.79
CA ASN A 273 4.83 -0.82 -15.42
C ASN A 273 3.86 -0.78 -16.58
N GLU A 274 4.26 -0.27 -17.74
CA GLU A 274 3.32 0.06 -18.82
C GLU A 274 2.22 1.00 -18.32
N GLY A 275 2.64 2.06 -17.64
CA GLY A 275 1.73 3.15 -17.33
C GLY A 275 1.46 3.29 -15.84
N ALA A 276 0.44 4.09 -15.53
CA ALA A 276 0.12 4.44 -14.15
C ALA A 276 -0.15 3.19 -13.32
N GLY A 277 0.11 3.31 -12.02
CA GLY A 277 -0.17 2.21 -11.12
C GLY A 277 0.31 2.54 -9.73
N LEU A 278 0.16 1.56 -8.84
CA LEU A 278 0.53 1.79 -7.45
C LEU A 278 2.04 1.68 -7.31
N GLN A 279 2.65 2.70 -6.72
CA GLN A 279 4.10 2.78 -6.56
C GLN A 279 4.59 2.18 -5.25
N HIS A 280 4.07 2.64 -4.10
CA HIS A 280 4.52 2.02 -2.87
C HIS A 280 3.40 1.96 -1.84
N LEU A 281 3.52 0.95 -0.97
CA LEU A 281 2.65 0.77 0.17
C LEU A 281 3.49 1.05 1.41
N ALA A 282 3.00 1.96 2.25
CA ALA A 282 3.69 2.31 3.49
C ALA A 282 3.01 1.61 4.64
N LEU A 283 3.75 0.73 5.33
CA LEU A 283 3.21 -0.10 6.39
C LEU A 283 3.72 0.43 7.72
N MET A 284 2.80 0.77 8.62
CA MET A 284 3.19 1.28 9.94
C MET A 284 3.56 0.12 10.85
N SER A 285 4.69 0.27 11.55
CA SER A 285 5.13 -0.69 12.55
C SER A 285 4.98 -0.06 13.93
N GLU A 286 4.61 -0.87 14.92
CA GLU A 286 4.62 -0.42 16.31
C GLU A 286 6.03 -0.41 16.88
N ASP A 287 7.02 -0.89 16.13
CA ASP A 287 8.39 -0.96 16.62
C ASP A 287 9.30 -1.13 15.40
N ILE A 288 9.64 -0.02 14.75
CA ILE A 288 10.30 -0.12 13.46
C ILE A 288 11.69 -0.73 13.62
N PHE A 289 12.32 -0.55 14.78
CA PHE A 289 13.58 -1.23 15.03
C PHE A 289 13.42 -2.74 14.96
N ARG A 290 12.44 -3.30 15.68
CA ARG A 290 12.24 -4.75 15.63
C ARG A 290 11.84 -5.20 14.23
N THR A 291 10.94 -4.45 13.57
CA THR A 291 10.53 -4.84 12.22
C THR A 291 11.72 -4.93 11.28
N LEU A 292 12.58 -3.90 11.30
CA LEU A 292 13.70 -3.89 10.36
C LEU A 292 14.73 -4.95 10.71
N ARG A 293 14.96 -5.18 12.00
CA ARG A 293 15.86 -6.26 12.39
C ARG A 293 15.37 -7.59 11.84
N GLU A 294 14.08 -7.87 12.03
CA GLU A 294 13.54 -9.14 11.57
C GLU A 294 13.54 -9.22 10.04
N MET A 295 13.16 -8.13 9.36
CA MET A 295 13.13 -8.21 7.90
C MET A 295 14.54 -8.32 7.32
N ARG A 296 15.52 -7.63 7.91
CA ARG A 296 16.87 -7.69 7.36
C ARG A 296 17.53 -9.04 7.59
N LYS A 297 17.18 -9.74 8.67
CA LYS A 297 17.73 -11.08 8.87
C LYS A 297 17.26 -12.03 7.78
N ARG A 298 16.14 -11.71 7.13
CA ARG A 298 15.53 -12.61 6.16
C ARG A 298 15.73 -12.16 4.72
N SER A 299 16.42 -11.03 4.49
CA SER A 299 16.53 -10.48 3.13
C SER A 299 17.07 -11.48 2.14
N SER A 300 18.10 -12.22 2.52
CA SER A 300 18.80 -13.13 1.62
C SER A 300 18.35 -14.56 1.76
N ILE A 301 17.33 -14.81 2.58
CA ILE A 301 16.78 -16.16 2.69
C ILE A 301 15.28 -16.14 2.42
N GLY A 302 14.88 -15.41 1.39
CA GLY A 302 13.52 -15.45 0.83
C GLY A 302 12.75 -14.17 1.07
N GLY A 303 13.27 -13.27 1.88
CA GLY A 303 12.52 -12.07 2.23
C GLY A 303 12.73 -10.92 1.28
N PHE A 304 12.74 -9.70 1.80
CA PHE A 304 12.83 -8.47 1.01
C PHE A 304 14.17 -7.78 1.26
N ASP A 305 14.71 -7.18 0.21
CA ASP A 305 15.92 -6.37 0.28
C ASP A 305 15.55 -4.93 0.52
N PHE A 306 16.49 -4.17 1.06
CA PHE A 306 16.29 -2.76 1.34
C PHE A 306 17.23 -1.93 0.46
N MET A 307 16.81 -0.70 0.19
CA MET A 307 17.64 0.21 -0.60
C MET A 307 18.96 0.46 0.13
N PRO A 308 19.97 0.97 -0.57
CA PRO A 308 21.26 1.24 0.09
C PRO A 308 21.10 2.19 1.27
N SER A 309 21.91 1.95 2.32
CA SER A 309 21.78 2.79 3.50
C SER A 309 22.44 4.15 3.23
N PRO A 310 21.92 5.23 3.81
CA PRO A 310 22.54 6.54 3.62
C PRO A 310 23.92 6.54 4.27
N PRO A 311 24.81 7.43 3.83
CA PRO A 311 26.18 7.42 4.37
C PRO A 311 26.20 7.79 5.84
N PRO A 312 27.26 7.42 6.57
CA PRO A 312 27.30 7.75 8.01
C PRO A 312 27.14 9.23 8.30
N THR A 313 27.48 10.09 7.34
CA THR A 313 27.22 11.53 7.45
C THR A 313 25.75 11.79 7.78
N TYR A 314 24.85 11.10 7.10
CA TYR A 314 23.43 11.31 7.34
C TYR A 314 23.11 11.06 8.80
N TYR A 315 23.76 10.06 9.41
CA TYR A 315 23.52 9.77 10.81
C TYR A 315 24.27 10.74 11.72
N GLN A 316 25.45 11.21 11.31
CA GLN A 316 26.12 12.29 12.02
C GLN A 316 25.34 13.59 11.97
N ASN A 317 24.47 13.78 10.96
CA ASN A 317 23.64 14.97 10.88
C ASN A 317 22.30 14.82 11.60
N LEU A 318 21.98 13.63 12.10
CA LEU A 318 20.69 13.44 12.74
C LEU A 318 20.63 14.04 14.14
N LYS A 319 21.76 14.07 14.84
CA LYS A 319 21.77 14.68 16.17
C LYS A 319 21.24 16.11 16.13
N LYS A 320 21.71 16.92 15.18
CA LYS A 320 21.28 18.31 15.10
C LYS A 320 19.83 18.47 14.66
N ARG A 321 19.23 17.43 14.08
CA ARG A 321 17.88 17.55 13.53
C ARG A 321 16.80 16.96 14.42
N VAL A 322 17.08 15.83 15.09
CA VAL A 322 16.07 15.11 15.84
C VAL A 322 16.63 14.67 17.18
N GLY A 323 17.81 15.21 17.54
CA GLY A 323 18.47 14.89 18.79
C GLY A 323 17.63 15.13 20.03
N ASP A 324 16.55 15.89 19.91
CA ASP A 324 15.59 16.06 20.99
C ASP A 324 14.52 14.97 21.01
N VAL A 325 14.40 14.20 19.95
CA VAL A 325 13.39 13.16 19.83
C VAL A 325 13.99 11.76 20.03
N LEU A 326 15.21 11.56 19.53
CA LEU A 326 15.86 10.26 19.54
C LEU A 326 17.14 10.34 20.34
N SER A 327 17.35 9.36 21.22
CA SER A 327 18.62 9.24 21.92
C SER A 327 19.74 8.94 20.93
N ASP A 328 20.98 9.17 21.38
CA ASP A 328 22.12 8.78 20.57
C ASP A 328 22.15 7.27 20.36
N ASP A 329 21.66 6.52 21.36
CA ASP A 329 21.51 5.07 21.19
C ASP A 329 20.36 4.76 20.23
N GLN A 330 19.32 5.57 20.21
CA GLN A 330 18.27 5.34 19.22
C GLN A 330 18.71 5.83 17.85
N ILE A 331 19.58 6.84 17.81
CA ILE A 331 20.15 7.26 16.54
C ILE A 331 21.17 6.23 16.03
N LYS A 332 21.98 5.63 16.92
CA LYS A 332 22.86 4.53 16.50
C LYS A 332 22.04 3.38 15.90
N GLU A 333 20.86 3.10 16.45
CA GLU A 333 20.06 1.98 15.96
C GLU A 333 19.50 2.26 14.56
N CYS A 334 19.09 3.50 14.29
CA CYS A 334 18.73 3.90 12.93
C CYS A 334 19.89 3.65 11.97
N GLU A 335 21.11 3.91 12.43
CA GLU A 335 22.27 3.76 11.55
C GLU A 335 22.55 2.29 11.26
N GLU A 336 22.42 1.42 12.27
CA GLU A 336 22.64 0.00 12.03
C GLU A 336 21.62 -0.56 11.04
N LEU A 337 20.39 -0.04 11.09
CA LEU A 337 19.28 -0.57 10.32
C LEU A 337 19.03 0.18 9.01
N GLY A 338 19.72 1.30 8.78
CA GLY A 338 19.55 2.07 7.56
C GLY A 338 18.30 2.91 7.53
N ILE A 339 17.73 3.21 8.68
CA ILE A 339 16.47 3.95 8.76
C ILE A 339 16.72 5.42 8.46
N LEU A 340 15.78 6.05 7.75
CA LEU A 340 15.75 7.49 7.52
C LEU A 340 14.80 8.17 8.51
N VAL A 341 15.05 9.44 8.79
CA VAL A 341 14.28 10.22 9.74
C VAL A 341 13.93 11.56 9.11
N ASP A 342 12.67 11.97 9.21
CA ASP A 342 12.27 13.30 8.80
C ASP A 342 11.34 13.88 9.85
N ARG A 343 11.08 15.18 9.73
CA ARG A 343 10.35 15.87 10.78
C ARG A 343 9.46 16.94 10.16
N ASP A 344 8.24 17.04 10.67
CA ASP A 344 7.31 18.11 10.37
C ASP A 344 7.40 19.18 11.46
N ASP A 345 6.50 20.16 11.39
CA ASP A 345 6.26 21.04 12.52
C ASP A 345 5.47 20.36 13.63
N GLN A 346 4.96 19.16 13.39
CA GLN A 346 4.04 18.51 14.31
C GLN A 346 4.52 17.16 14.80
N GLY A 347 5.31 16.42 14.02
CA GLY A 347 5.73 15.10 14.43
C GLY A 347 7.02 14.69 13.75
N THR A 348 7.50 13.49 14.11
CA THR A 348 8.71 12.91 13.54
C THR A 348 8.37 11.59 12.87
N LEU A 349 9.05 11.30 11.76
CA LEU A 349 8.82 10.10 10.95
C LEU A 349 10.10 9.30 10.82
N LEU A 350 10.00 7.99 11.05
CA LEU A 350 11.08 7.03 10.76
C LEU A 350 10.63 6.15 9.59
N GLN A 351 11.49 5.97 8.60
CA GLN A 351 11.06 5.30 7.36
C GLN A 351 12.22 4.61 6.69
N ILE A 352 11.90 3.57 5.90
CA ILE A 352 12.89 2.90 5.09
C ILE A 352 12.14 2.25 3.94
N PHE A 353 12.84 2.03 2.84
CA PHE A 353 12.24 1.54 1.60
C PHE A 353 12.87 0.22 1.19
N THR A 354 12.03 -0.71 0.75
CA THR A 354 12.54 -1.94 0.18
C THR A 354 12.95 -1.71 -1.27
N LYS A 355 13.79 -2.61 -1.76
CA LYS A 355 13.95 -2.75 -3.20
C LYS A 355 12.62 -3.23 -3.77
N PRO A 356 12.43 -3.18 -5.09
CA PRO A 356 11.17 -3.62 -5.69
C PRO A 356 10.77 -5.02 -5.27
N LEU A 357 9.46 -5.22 -5.10
CA LEU A 357 8.94 -6.47 -4.56
C LEU A 357 9.01 -7.62 -5.54
N GLY A 358 9.13 -7.34 -6.83
CA GLY A 358 9.18 -8.39 -7.83
C GLY A 358 10.19 -8.11 -8.92
N ASP A 359 9.95 -8.67 -10.11
CA ASP A 359 10.93 -8.59 -11.21
C ASP A 359 11.13 -7.15 -11.69
N ARG A 360 10.09 -6.39 -11.73
CA ARG A 360 10.16 -5.09 -12.39
C ARG A 360 10.46 -3.99 -11.37
N PRO A 361 11.20 -2.94 -11.80
CA PRO A 361 11.49 -1.81 -10.87
C PRO A 361 10.27 -0.90 -10.75
N THR A 362 9.21 -1.44 -10.13
CA THR A 362 7.92 -0.77 -10.09
C THR A 362 7.55 -0.65 -8.61
N ILE A 363 6.73 -1.57 -8.09
CA ILE A 363 6.17 -1.44 -6.74
C ILE A 363 7.23 -1.76 -5.70
N PHE A 364 7.25 -0.99 -4.62
CA PHE A 364 8.08 -1.30 -3.45
C PHE A 364 7.30 -0.99 -2.19
N ILE A 365 7.90 -1.31 -1.05
CA ILE A 365 7.26 -1.15 0.24
C ILE A 365 8.09 -0.18 1.08
N GLU A 366 7.39 0.64 1.85
CA GLU A 366 7.99 1.52 2.85
C GLU A 366 7.55 1.03 4.23
N ILE A 367 8.49 0.94 5.16
CA ILE A 367 8.16 0.68 6.56
C ILE A 367 8.29 2.01 7.29
N ILE A 368 7.31 2.34 8.12
CA ILE A 368 7.30 3.64 8.78
C ILE A 368 6.86 3.50 10.22
N GLN A 369 7.29 4.49 11.01
CA GLN A 369 6.73 4.66 12.34
C GLN A 369 6.76 6.15 12.64
N ARG A 370 5.68 6.66 13.23
CA ARG A 370 5.51 8.08 13.46
C ARG A 370 5.52 8.36 14.95
N VAL A 371 6.11 9.48 15.36
CA VAL A 371 6.10 9.88 16.76
C VAL A 371 5.68 11.34 16.85
N GLY A 372 4.76 11.63 17.76
CA GLY A 372 4.17 12.94 17.89
C GLY A 372 2.67 12.91 17.62
N CYS A 373 2.08 14.10 17.64
CA CYS A 373 0.68 14.32 17.27
C CYS A 373 -0.28 13.44 18.08
N MET A 374 -0.09 13.43 19.39
CA MET A 374 -1.02 12.71 20.25
C MET A 374 -2.24 13.58 20.56
N MET A 375 -3.38 12.92 20.69
CA MET A 375 -4.60 13.58 21.14
C MET A 375 -5.31 12.69 22.16
N TYR A 383 -4.86 8.84 20.92
CA TYR A 383 -4.62 8.40 19.55
C TYR A 383 -3.74 9.39 18.80
N GLN A 384 -3.18 8.95 17.68
CA GLN A 384 -2.27 9.75 16.87
C GLN A 384 -2.97 10.20 15.59
N SER A 385 -2.73 11.44 15.18
CA SER A 385 -3.32 11.94 13.96
C SER A 385 -2.59 11.36 12.75
N GLY A 386 -3.31 11.25 11.64
CA GLY A 386 -2.73 10.65 10.46
C GLY A 386 -1.69 11.55 9.81
N GLY A 387 -0.69 10.92 9.21
CA GLY A 387 0.32 11.67 8.52
C GLY A 387 1.24 12.43 9.42
N CYS A 388 1.22 12.16 10.73
CA CYS A 388 2.09 12.79 11.70
C CYS A 388 3.55 12.70 11.27
N GLY A 389 4.15 13.85 10.95
CA GLY A 389 5.53 13.89 10.49
C GLY A 389 5.67 13.98 8.99
N GLY A 390 4.58 13.87 8.24
CA GLY A 390 4.67 13.99 6.81
C GLY A 390 5.02 12.65 6.17
N PHE A 391 5.71 12.74 5.04
CA PHE A 391 6.01 11.57 4.23
C PHE A 391 7.48 11.45 3.87
N GLY A 392 8.32 12.35 4.38
CA GLY A 392 9.75 12.20 4.21
C GLY A 392 10.37 12.99 3.07
N LYS A 393 9.62 13.91 2.44
CA LYS A 393 10.18 14.67 1.32
C LYS A 393 11.41 15.45 1.73
N GLY A 394 11.50 15.84 3.00
CA GLY A 394 12.68 16.53 3.49
C GLY A 394 13.95 15.70 3.42
N ASN A 395 13.80 14.39 3.19
CA ASN A 395 14.97 13.49 3.12
C ASN A 395 15.64 13.61 1.75
N PHE A 396 15.03 14.26 0.78
CA PHE A 396 15.75 14.41 -0.50
C PHE A 396 16.97 15.31 -0.27
N SER A 397 16.72 16.49 0.30
CA SER A 397 17.78 17.47 0.58
C SER A 397 18.75 16.87 1.58
N GLU A 398 18.23 16.28 2.64
CA GLU A 398 19.12 15.69 3.66
C GLU A 398 19.99 14.61 3.02
N LEU A 399 19.42 13.75 2.18
CA LEU A 399 20.27 12.71 1.57
C LEU A 399 21.34 13.37 0.69
N PHE A 400 20.93 14.23 -0.23
CA PHE A 400 21.90 14.88 -1.13
C PHE A 400 23.01 15.55 -0.32
N LYS A 401 22.66 16.43 0.62
CA LYS A 401 23.67 17.11 1.49
C LYS A 401 24.54 16.04 2.17
N SER A 402 23.93 15.01 2.75
CA SER A 402 24.74 13.97 3.44
C SER A 402 25.74 13.33 2.47
N ILE A 403 25.32 13.06 1.24
CA ILE A 403 26.14 12.43 0.18
C ILE A 403 27.29 13.36 -0.23
N GLU A 404 27.04 14.65 -0.42
CA GLU A 404 28.18 15.56 -0.75
C GLU A 404 29.15 15.59 0.44
N GLU A 405 28.61 15.64 1.65
CA GLU A 405 29.44 15.68 2.87
C GLU A 405 30.26 14.38 2.98
N TYR A 406 29.71 13.22 2.62
CA TYR A 406 30.49 11.97 2.76
C TYR A 406 31.58 11.95 1.70
N GLU A 407 31.24 12.49 0.53
CA GLU A 407 32.24 12.61 -0.55
C GLU A 407 33.37 13.50 -0.03
N LYS A 408 33.07 14.59 0.66
CA LYS A 408 34.10 15.51 1.22
C LYS A 408 34.91 14.78 2.30
N THR A 409 34.31 13.91 3.14
CA THR A 409 35.15 13.18 4.11
C THR A 409 36.20 12.42 3.30
N LEU A 410 35.82 11.68 2.23
CA LEU A 410 36.82 11.11 1.31
C LEU A 410 37.92 10.36 2.05
C13 0O0 B . 15.22 6.07 -3.01
C15 0O0 B . 16.09 5.63 -5.44
C17 0O0 B . 14.46 7.64 -5.00
C20 0O0 B . 14.22 10.71 0.17
C24 0O0 B . 6.76 9.73 -0.22
C28 0O0 B . 7.00 10.91 -0.92
C1 0O0 B . 7.74 8.64 0.21
C2 0O0 B . 9.22 8.87 -0.03
C3 0O0 B . 9.93 9.92 0.82
C4 0O0 B . 11.40 10.21 0.61
C5 0O0 B . 12.17 9.41 -0.49
C6 0O0 B . 11.47 8.40 -1.34
C7 0O0 B . 9.97 8.11 -1.11
C9 0O0 B . 14.35 8.99 -1.70
C11 0O0 B . 12.26 7.66 -2.39
C12 0O0 B . 14.44 7.26 -3.53
C14 0O0 B . 16.06 5.25 -3.96
C16 0O0 B . 15.29 6.82 -5.96
C18 0O0 B . 9.16 7.10 -1.92
C19 0O0 B . 13.64 8.83 -5.45
C25 0O0 B . 5.43 9.70 0.11
C29 0O0 B . 3.50 11.21 -0.26
C31 0O0 B . 8.27 11.48 -1.54
N8 0O0 B . 13.57 9.72 -0.66
N10 0O0 B . 13.66 7.98 -2.56
N26 0O0 B . 4.87 10.82 -0.38
N27 0O0 B . 5.84 11.55 -1.01
O21 0O0 B . 7.38 7.66 0.81
O22 0O0 B . 11.77 6.85 -3.10
O23 0O0 B . 15.50 9.21 -1.87
O30 0O0 B . 4.77 8.69 0.81
CO CO C . 5.67 7.10 1.56
#